data_2FCV
#
_entry.id   2FCV
#
_cell.length_a   57.12
_cell.length_b   89.35
_cell.length_c   125.06
_cell.angle_alpha   90.00
_cell.angle_beta   90.00
_cell.angle_gamma   90.00
#
_symmetry.space_group_name_H-M   'P 21 21 21'
#
loop_
_entity.id
_entity.type
_entity.pdbx_description
1 polymer 'syringomycin biosynthesis enzyme 2'
2 non-polymer 'FE (II) ION'
3 non-polymer 'BROMIDE ION'
4 non-polymer '((2R,3S,4S,5S)-3,4-DIHYDROXY-5-(HYDROXYMETHYL)-5-((2R,3S,4S,5S,6R)-3,4,5-TRIHYDROXY-6-METHOXY-TETRAHYDRO-2H-PYRAN-2-YLOXY)-TETRAHYDROFURAN-2-YL)METHYL NONANOATE'
5 non-polymer '2-OXOGLUTARIC ACID'
6 water water
#
_entity_poly.entity_id   1
_entity_poly.type   'polypeptide(L)'
_entity_poly.pdbx_seq_one_letter_code
;GSHMSKKFALTAEQRASFEKNGFIGPFDAYSPEEMKETWKRTRLRLLDRSAAAYQDLDAISGGTNIANYDRHLDDDFLAS
HICRPEICDRVESILGPNVLCWRTEFFPKYPGDEGTDWHQADTFANASGKPQIIWPENEEFGGTITVWTAFTDANIANGC
LQFIPGTQNSMNYDETKRMTYEPDANNSVVKDGVRRGFFGYDYRQLQIDENWKPDEASAVPMQMKAGQFIIFWSTLMHAS
YPHSGESQEMRMGFASRYVPSFVHVYPDSDHIEEYGGRISLEKYGAVQVIGDETPEYNRLVTHTTRGKKFEAV
;
_entity_poly.pdbx_strand_id   A,B
#
loop_
_chem_comp.id
_chem_comp.type
_chem_comp.name
_chem_comp.formula
AKG non-polymer '2-OXOGLUTARIC ACID' 'C5 H6 O5'
BR non-polymer 'BROMIDE ION' 'Br -1'
DSU non-polymer '((2R,3S,4S,5S)-3,4-DIHYDROXY-5-(HYDROXYMETHYL)-5-((2R,3S,4S,5S,6R)-3,4,5-TRIHYDROXY-6-METHOXY-TETRAHYDRO-2H-PYRAN-2-YLOXY)-TETRAHYDROFURAN-2-YL)METHYL NONANOATE' 'C22 H40 O12'
FE2 non-polymer 'FE (II) ION' 'Fe 2'
#
# COMPACT_ATOMS: atom_id res chain seq x y z
N LYS A 6 24.81 2.55 -9.56
CA LYS A 6 24.59 1.13 -10.04
C LYS A 6 23.23 1.01 -10.68
N LYS A 7 22.98 -0.10 -11.35
CA LYS A 7 21.79 -0.22 -12.21
C LYS A 7 20.47 -0.02 -11.45
N PHE A 8 20.36 -0.53 -10.22
CA PHE A 8 19.10 -0.42 -9.47
C PHE A 8 19.21 0.54 -8.30
N ALA A 9 20.12 1.50 -8.37
CA ALA A 9 20.27 2.46 -7.29
C ALA A 9 18.94 3.21 -7.05
N LEU A 10 18.74 3.67 -5.82
CA LEU A 10 17.60 4.56 -5.55
C LEU A 10 17.83 5.87 -6.27
N THR A 11 16.78 6.38 -6.89
CA THR A 11 16.81 7.74 -7.45
C THR A 11 16.90 8.77 -6.33
N ALA A 12 17.27 10.00 -6.67
CA ALA A 12 17.37 11.04 -5.65
C ALA A 12 15.99 11.26 -4.99
N GLU A 13 14.93 11.18 -5.80
CA GLU A 13 13.56 11.35 -5.30
C GLU A 13 13.15 10.20 -4.39
N GLN A 14 13.50 9.00 -4.81
CA GLN A 14 13.28 7.79 -3.96
C GLN A 14 14.06 7.86 -2.64
N ARG A 15 15.30 8.35 -2.70
CA ARG A 15 16.08 8.54 -1.49
C ARG A 15 15.45 9.56 -0.52
N ALA A 16 14.93 10.66 -1.06
CA ALA A 16 14.22 11.68 -0.24
C ALA A 16 12.98 11.11 0.43
N SER A 17 12.21 10.32 -0.32
CA SER A 17 11.00 9.68 0.20
C SER A 17 11.32 8.69 1.31
N PHE A 18 12.37 7.88 1.08
CA PHE A 18 12.83 6.94 2.09
C PHE A 18 13.22 7.70 3.36
N GLU A 19 14.00 8.77 3.21
CA GLU A 19 14.42 9.53 4.40
C GLU A 19 13.22 10.10 5.18
N LYS A 20 12.20 10.54 4.46
CA LYS A 20 11.02 11.11 5.06
C LYS A 20 10.14 10.05 5.71
N ASN A 21 9.76 9.03 4.93
CA ASN A 21 8.81 8.00 5.39
C ASN A 21 9.39 6.86 6.25
N GLY A 22 10.63 6.51 5.97
CA GLY A 22 11.29 5.39 6.63
C GLY A 22 11.16 4.05 5.91
N PHE A 23 10.54 4.08 4.73
CA PHE A 23 10.30 2.89 3.88
C PHE A 23 10.31 3.37 2.47
N ILE A 24 10.55 2.48 1.51
CA ILE A 24 10.54 2.86 0.12
C ILE A 24 10.25 1.61 -0.69
N GLY A 25 9.44 1.78 -1.74
CA GLY A 25 9.02 0.66 -2.61
C GLY A 25 7.50 0.52 -2.61
N PRO A 26 6.98 -0.67 -2.98
CA PRO A 26 7.66 -1.90 -3.33
C PRO A 26 8.39 -1.86 -4.65
N PHE A 27 9.40 -2.71 -4.78
CA PHE A 27 10.11 -2.92 -6.06
C PHE A 27 10.02 -4.38 -6.48
N ASP A 28 10.32 -4.69 -7.73
CA ASP A 28 10.26 -6.10 -8.18
C ASP A 28 11.61 -6.79 -8.11
N ALA A 29 11.65 -7.96 -7.46
CA ALA A 29 12.79 -8.86 -7.55
C ALA A 29 12.56 -9.95 -8.63
N TYR A 30 11.33 -10.45 -8.75
CA TYR A 30 10.96 -11.52 -9.68
C TYR A 30 9.56 -11.21 -10.17
N SER A 31 9.16 -11.81 -11.29
CA SER A 31 7.75 -11.75 -11.71
C SER A 31 6.93 -12.59 -10.76
N PRO A 32 5.62 -12.33 -10.67
CA PRO A 32 4.79 -13.19 -9.81
C PRO A 32 4.81 -14.67 -10.23
N GLU A 33 4.90 -14.92 -11.53
CA GLU A 33 4.94 -16.30 -12.01
C GLU A 33 6.23 -17.00 -11.58
N GLU A 34 7.36 -16.29 -11.66
CA GLU A 34 8.66 -16.85 -11.22
C GLU A 34 8.63 -17.06 -9.70
N MET A 35 8.15 -16.08 -8.94
CA MET A 35 8.09 -16.26 -7.50
C MET A 35 7.20 -17.46 -7.12
N LYS A 36 6.05 -17.58 -7.74
CA LYS A 36 5.14 -18.70 -7.39
C LYS A 36 5.80 -20.07 -7.52
N GLU A 37 6.51 -20.26 -8.64
CA GLU A 37 7.14 -21.51 -8.92
C GLU A 37 8.33 -21.73 -7.97
N THR A 38 9.14 -20.69 -7.80
CA THR A 38 10.27 -20.76 -6.87
C THR A 38 9.77 -21.09 -5.47
N TRP A 39 8.70 -20.46 -5.00
CA TRP A 39 8.26 -20.69 -3.65
C TRP A 39 7.69 -22.12 -3.49
N LYS A 40 7.04 -22.60 -4.53
CA LYS A 40 6.50 -23.96 -4.51
C LYS A 40 7.62 -24.94 -4.15
N ARG A 41 8.75 -24.81 -4.84
CA ARG A 41 9.89 -25.71 -4.68
C ARG A 41 10.62 -25.47 -3.36
N THR A 42 10.84 -24.20 -3.05
CA THR A 42 11.56 -23.81 -1.84
C THR A 42 10.86 -24.23 -0.55
N ARG A 43 9.55 -24.02 -0.46
CA ARG A 43 8.77 -24.40 0.70
C ARG A 43 8.96 -25.88 1.03
N LEU A 44 9.02 -26.72 0.01
CA LEU A 44 9.26 -28.15 0.21
C LEU A 44 10.67 -28.47 0.62
N ARG A 45 11.62 -27.93 -0.13
CA ARG A 45 13.03 -28.04 0.22
C ARG A 45 13.30 -27.65 1.67
N LEU A 46 12.69 -26.58 2.16
CA LEU A 46 12.95 -26.05 3.49
C LEU A 46 12.56 -26.99 4.64
N LEU A 47 11.65 -27.94 4.36
CA LEU A 47 11.25 -28.96 5.35
C LEU A 47 12.39 -29.86 5.75
N ASP A 48 13.40 -29.94 4.88
CA ASP A 48 14.63 -30.66 5.17
C ASP A 48 15.61 -29.71 5.84
N ARG A 49 15.81 -29.94 7.15
CA ARG A 49 16.72 -29.14 7.95
C ARG A 49 18.06 -29.79 8.13
N SER A 50 18.35 -30.84 7.36
CA SER A 50 19.59 -31.59 7.56
C SER A 50 20.92 -30.82 7.37
N ALA A 51 20.90 -29.70 6.63
CA ALA A 51 22.07 -28.85 6.48
C ALA A 51 21.95 -27.49 7.17
N ALA A 52 20.85 -27.31 7.91
CA ALA A 52 20.59 -26.01 8.54
C ALA A 52 21.75 -25.65 9.48
N ALA A 53 22.06 -24.37 9.57
CA ALA A 53 23.09 -23.90 10.48
C ALA A 53 22.73 -24.18 11.94
N TYR A 54 21.43 -24.18 12.27
CA TYR A 54 20.99 -24.40 13.65
C TYR A 54 20.35 -25.78 13.69
N GLN A 55 21.06 -26.72 14.29
CA GLN A 55 20.61 -28.11 14.33
C GLN A 55 19.65 -28.19 15.50
N ASP A 56 20.19 -28.11 16.69
CA ASP A 56 19.41 -28.24 17.89
C ASP A 56 18.80 -26.87 18.22
N LEU A 57 17.49 -26.83 18.36
CA LEU A 57 16.76 -25.59 18.61
C LEU A 57 16.30 -25.44 20.08
N ASP A 58 16.52 -26.49 20.90
CA ASP A 58 16.18 -26.50 22.33
C ASP A 58 14.82 -25.81 22.55
N ALA A 59 13.84 -26.19 21.72
CA ALA A 59 12.56 -25.51 21.68
C ALA A 59 11.62 -26.17 22.68
N THR A 64 9.55 -22.93 18.05
CA THR A 64 10.22 -21.63 18.27
C THR A 64 10.34 -20.87 16.96
N ASN A 65 10.16 -19.55 17.02
CA ASN A 65 10.33 -18.69 15.86
C ASN A 65 11.79 -18.66 15.29
N ILE A 66 12.75 -19.02 16.14
CA ILE A 66 14.14 -19.22 15.70
C ILE A 66 14.27 -20.28 14.60
N ALA A 67 13.34 -21.23 14.51
CA ALA A 67 13.28 -22.15 13.35
C ALA A 67 13.16 -21.45 11.98
N ASN A 68 12.70 -20.20 11.98
CA ASN A 68 12.58 -19.44 10.74
C ASN A 68 13.90 -18.69 10.36
N TYR A 69 14.94 -18.77 11.21
CA TYR A 69 16.13 -17.92 11.03
C TYR A 69 17.19 -18.52 10.13
N ASP A 70 17.78 -17.64 9.34
CA ASP A 70 19.01 -17.88 8.62
C ASP A 70 19.06 -19.09 7.71
N ARG A 71 17.95 -19.34 7.01
CA ARG A 71 17.90 -20.42 6.06
C ARG A 71 18.70 -20.12 4.80
N HIS A 72 19.08 -18.86 4.59
CA HIS A 72 20.06 -18.49 3.58
C HIS A 72 21.40 -19.17 3.80
N LEU A 73 21.69 -19.61 5.03
CA LEU A 73 22.95 -20.23 5.28
C LEU A 73 22.99 -21.68 4.73
N ASP A 74 21.82 -22.25 4.43
CA ASP A 74 21.75 -23.61 3.86
C ASP A 74 21.06 -23.68 2.49
N ASP A 75 20.28 -22.69 2.09
CA ASP A 75 19.47 -22.86 0.89
C ASP A 75 20.04 -22.17 -0.34
N ASP A 76 20.16 -22.91 -1.45
CA ASP A 76 20.66 -22.37 -2.73
C ASP A 76 19.96 -21.09 -3.22
N PHE A 77 18.63 -21.11 -3.26
CA PHE A 77 17.87 -19.97 -3.74
C PHE A 77 18.04 -18.77 -2.80
N LEU A 78 17.88 -18.98 -1.50
CA LEU A 78 17.92 -17.85 -0.58
C LEU A 78 19.32 -17.22 -0.58
N ALA A 79 20.32 -18.06 -0.83
CA ALA A 79 21.72 -17.56 -0.94
C ALA A 79 21.90 -16.61 -2.10
N SER A 80 21.18 -16.85 -3.20
CA SER A 80 21.12 -15.95 -4.35
C SER A 80 20.28 -14.71 -4.02
N HIS A 81 19.11 -14.96 -3.46
CA HIS A 81 18.18 -13.87 -3.18
C HIS A 81 18.73 -12.70 -2.39
N ILE A 82 19.45 -12.96 -1.30
CA ILE A 82 19.95 -11.87 -0.48
C ILE A 82 20.95 -11.00 -1.23
N CYS A 83 21.50 -11.54 -2.33
CA CYS A 83 22.50 -10.86 -3.17
C CYS A 83 21.95 -10.21 -4.42
N ARG A 84 20.64 -10.26 -4.60
CA ARG A 84 20.03 -9.74 -5.80
C ARG A 84 20.38 -8.28 -6.00
N PRO A 85 20.90 -7.90 -7.19
CA PRO A 85 21.22 -6.49 -7.40
C PRO A 85 20.00 -5.56 -7.26
N GLU A 86 18.82 -6.04 -7.62
CA GLU A 86 17.59 -5.27 -7.42
C GLU A 86 17.44 -4.82 -5.95
N ILE A 87 17.90 -5.67 -5.04
CA ILE A 87 17.85 -5.42 -3.61
C ILE A 87 19.11 -4.67 -3.17
N CYS A 88 20.27 -5.26 -3.47
CA CYS A 88 21.53 -4.74 -2.97
C CYS A 88 21.89 -3.34 -3.46
N ASP A 89 21.65 -3.04 -4.74
CA ASP A 89 21.91 -1.67 -5.24
C ASP A 89 21.09 -0.63 -4.44
N ARG A 90 19.88 -0.99 -4.03
CA ARG A 90 19.05 -0.03 -3.26
C ARG A 90 19.50 0.04 -1.81
N VAL A 91 19.88 -1.08 -1.24
CA VAL A 91 20.47 -1.08 0.12
C VAL A 91 21.76 -0.26 0.15
N GLU A 92 22.56 -0.38 -0.92
CA GLU A 92 23.81 0.39 -1.04
C GLU A 92 23.55 1.89 -1.05
N SER A 93 22.50 2.31 -1.75
CA SER A 93 22.10 3.73 -1.74
C SER A 93 21.92 4.29 -0.33
N ILE A 94 21.50 3.45 0.60
CA ILE A 94 21.23 3.85 1.99
C ILE A 94 22.42 3.57 2.94
N LEU A 95 23.06 2.40 2.80
CA LEU A 95 24.03 1.89 3.81
C LEU A 95 25.50 2.02 3.41
N GLY A 96 25.75 2.42 2.17
CA GLY A 96 27.12 2.68 1.73
C GLY A 96 27.83 1.48 1.13
N PRO A 97 29.16 1.58 0.99
CA PRO A 97 29.93 0.66 0.14
C PRO A 97 30.25 -0.71 0.71
N ASN A 98 30.07 -0.90 2.01
CA ASN A 98 30.37 -2.15 2.67
C ASN A 98 29.21 -2.59 3.56
N VAL A 99 28.52 -3.65 3.16
CA VAL A 99 27.25 -4.00 3.79
C VAL A 99 27.14 -5.49 3.99
N LEU A 100 26.63 -5.89 5.15
CA LEU A 100 26.42 -7.30 5.47
C LEU A 100 24.94 -7.62 5.59
N CYS A 101 24.59 -8.82 5.18
CA CYS A 101 23.30 -9.41 5.52
C CYS A 101 23.56 -10.28 6.74
N TRP A 102 23.04 -9.85 7.89
CA TRP A 102 23.37 -10.51 9.16
C TRP A 102 22.27 -11.44 9.65
N ARG A 103 21.07 -11.37 9.06
CA ARG A 103 19.94 -12.14 9.54
C ARG A 103 18.92 -12.29 8.44
N THR A 104 18.32 -13.47 8.33
CA THR A 104 17.10 -13.60 7.54
C THR A 104 16.08 -14.34 8.37
N GLU A 105 14.81 -14.08 8.06
CA GLU A 105 13.68 -14.66 8.81
C GLU A 105 12.50 -14.83 7.88
N PHE A 106 11.88 -16.01 7.93
CA PHE A 106 10.57 -16.22 7.35
C PHE A 106 9.48 -15.76 8.30
N PHE A 107 8.44 -15.18 7.71
CA PHE A 107 7.29 -14.66 8.44
C PHE A 107 6.05 -15.22 7.74
N PRO A 108 5.63 -16.41 8.18
CA PRO A 108 4.34 -16.94 7.77
C PRO A 108 3.14 -16.31 8.49
N LYS A 109 2.07 -16.10 7.77
CA LYS A 109 0.75 -15.94 8.37
C LYS A 109 -0.11 -17.03 7.78
N TYR A 110 -0.42 -18.00 8.62
CA TYR A 110 -1.41 -19.01 8.27
C TYR A 110 -2.83 -18.43 8.30
N PRO A 111 -3.74 -19.03 7.54
CA PRO A 111 -5.11 -18.56 7.58
C PRO A 111 -5.62 -18.42 9.01
N GLY A 112 -6.17 -17.25 9.35
CA GLY A 112 -6.59 -16.97 10.71
C GLY A 112 -5.59 -16.42 11.71
N ASP A 113 -4.32 -16.35 11.37
CA ASP A 113 -3.29 -15.87 12.32
C ASP A 113 -3.50 -14.42 12.77
N GLU A 114 -3.10 -14.16 14.00
CA GLU A 114 -3.06 -12.82 14.56
C GLU A 114 -2.14 -11.94 13.73
N GLY A 115 -2.39 -10.63 13.76
CA GLY A 115 -1.49 -9.68 13.18
C GLY A 115 -0.22 -9.57 14.00
N THR A 116 0.85 -9.15 13.38
CA THR A 116 2.10 -8.86 14.09
C THR A 116 1.91 -7.59 14.91
N ASP A 117 2.35 -7.61 16.17
CA ASP A 117 2.30 -6.39 17.03
C ASP A 117 3.03 -5.21 16.41
N TRP A 118 2.64 -4.00 16.81
CA TRP A 118 3.42 -2.80 16.58
C TRP A 118 4.73 -2.97 17.28
N HIS A 119 5.78 -2.66 16.56
CA HIS A 119 7.13 -2.73 17.12
C HIS A 119 8.12 -1.88 16.35
N GLN A 120 9.22 -1.60 17.03
CA GLN A 120 10.43 -1.02 16.48
C GLN A 120 11.61 -1.76 17.16
N ALA A 121 12.66 -1.99 16.40
CA ALA A 121 13.90 -2.55 16.97
C ALA A 121 15.15 -1.82 16.52
N ASP A 122 16.03 -1.58 17.49
CA ASP A 122 17.28 -0.87 17.27
C ASP A 122 18.43 -1.83 17.45
N THR A 123 18.56 -2.37 18.64
CA THR A 123 19.64 -3.32 18.96
C THR A 123 19.32 -4.81 18.79
N PHE A 124 18.04 -5.16 18.65
CA PHE A 124 17.58 -6.55 18.59
C PHE A 124 17.86 -7.34 19.89
N ALA A 125 17.93 -6.61 21.01
CA ALA A 125 17.88 -7.21 22.35
C ALA A 125 16.45 -7.43 22.78
N ASN A 126 15.49 -7.00 21.96
CA ASN A 126 14.09 -7.02 22.33
C ASN A 126 13.61 -8.32 22.99
N ALA A 127 13.84 -9.45 22.32
CA ALA A 127 13.30 -10.72 22.84
C ALA A 127 14.28 -11.44 23.82
N SER A 128 15.58 -11.33 23.55
CA SER A 128 16.63 -12.04 24.30
C SER A 128 17.15 -11.32 25.51
N GLY A 129 16.99 -10.00 25.54
CA GLY A 129 17.63 -9.17 26.57
C GLY A 129 19.10 -8.82 26.34
N LYS A 130 19.66 -9.22 25.21
CA LYS A 130 21.09 -9.02 24.90
C LYS A 130 21.22 -8.49 23.44
N PRO A 131 21.90 -7.35 23.26
CA PRO A 131 21.97 -6.73 21.93
C PRO A 131 22.57 -7.66 20.87
N GLN A 132 22.02 -7.64 19.67
CA GLN A 132 22.54 -8.48 18.59
C GLN A 132 23.26 -7.65 17.53
N ILE A 133 22.93 -6.35 17.41
CA ILE A 133 23.68 -5.44 16.55
C ILE A 133 23.94 -4.15 17.29
N ILE A 134 25.18 -3.67 17.20
CA ILE A 134 25.61 -2.47 17.93
C ILE A 134 26.33 -1.52 16.98
N TRP A 135 25.75 -0.35 16.82
CA TRP A 135 26.31 0.69 15.96
C TRP A 135 27.33 1.51 16.76
N PRO A 136 28.14 2.33 16.07
CA PRO A 136 29.09 3.19 16.81
C PRO A 136 28.40 4.02 17.91
N GLU A 137 28.93 3.95 19.14
CA GLU A 137 28.31 4.53 20.33
C GLU A 137 28.33 6.05 20.36
N ASN A 138 29.25 6.65 19.62
CA ASN A 138 29.37 8.11 19.55
C ASN A 138 28.33 8.75 18.61
N GLU A 139 27.60 7.90 17.86
CA GLU A 139 26.69 8.37 16.82
C GLU A 139 25.25 8.12 17.18
N GLU A 140 24.34 8.60 16.33
CA GLU A 140 22.91 8.54 16.64
C GLU A 140 22.15 7.52 15.82
N PHE A 141 22.86 6.75 15.01
CA PHE A 141 22.25 5.75 14.13
C PHE A 141 21.95 4.45 14.85
N GLY A 142 20.95 3.74 14.35
CA GLY A 142 20.61 2.44 14.92
C GLY A 142 19.83 1.56 13.96
N GLY A 143 19.54 0.33 14.39
CA GLY A 143 18.64 -0.56 13.67
C GLY A 143 19.30 -1.24 12.48
N THR A 144 18.46 -1.74 11.61
CA THR A 144 18.87 -2.49 10.45
C THR A 144 17.92 -2.17 9.31
N ILE A 145 18.43 -2.18 8.07
CA ILE A 145 17.57 -2.07 6.89
C ILE A 145 16.97 -3.45 6.65
N THR A 146 15.65 -3.52 6.72
CA THR A 146 14.93 -4.76 6.43
C THR A 146 14.41 -4.70 5.00
N VAL A 147 14.72 -5.73 4.23
CA VAL A 147 14.11 -5.96 2.92
C VAL A 147 13.12 -7.12 3.10
N TRP A 148 11.83 -6.86 2.95
CA TRP A 148 10.82 -7.88 3.18
C TRP A 148 10.25 -8.25 1.82
N THR A 149 10.56 -9.45 1.39
CA THR A 149 10.09 -9.94 0.09
C THR A 149 8.79 -10.79 0.25
N ALA A 150 7.80 -10.48 -0.57
CA ALA A 150 6.55 -11.24 -0.65
C ALA A 150 6.79 -12.50 -1.49
N PHE A 151 6.87 -13.64 -0.81
CA PHE A 151 6.98 -14.97 -1.47
C PHE A 151 5.60 -15.47 -1.95
N THR A 152 4.56 -14.87 -1.38
CA THR A 152 3.16 -14.98 -1.85
C THR A 152 2.66 -13.56 -2.03
N ASP A 153 1.52 -13.42 -2.67
CA ASP A 153 0.82 -12.15 -2.60
C ASP A 153 0.57 -11.78 -1.11
N ALA A 154 0.58 -10.48 -0.84
CA ALA A 154 0.31 -9.93 0.49
C ALA A 154 -0.71 -8.79 0.37
N ASN A 155 -1.90 -9.03 0.92
CA ASN A 155 -2.98 -8.08 0.88
C ASN A 155 -3.49 -7.92 2.29
N ILE A 156 -4.34 -6.93 2.50
CA ILE A 156 -4.81 -6.68 3.84
C ILE A 156 -5.47 -7.95 4.44
N ALA A 157 -6.30 -8.62 3.67
CA ALA A 157 -7.03 -9.80 4.15
C ALA A 157 -6.13 -10.97 4.54
N ASN A 158 -4.94 -11.08 3.96
CA ASN A 158 -4.04 -12.17 4.31
C ASN A 158 -2.85 -11.75 5.16
N GLY A 159 -2.96 -10.58 5.78
CA GLY A 159 -1.96 -10.14 6.72
C GLY A 159 -0.77 -9.36 6.24
N CYS A 160 -0.97 -8.43 5.30
CA CYS A 160 0.15 -7.65 4.78
C CYS A 160 0.68 -6.72 5.87
N LEU A 161 1.85 -6.17 5.57
CA LEU A 161 2.46 -5.23 6.47
C LEU A 161 1.69 -3.91 6.52
N GLN A 162 1.89 -3.18 7.61
CA GLN A 162 1.47 -1.79 7.75
C GLN A 162 2.56 -1.00 8.49
N PHE A 163 2.66 0.28 8.18
CA PHE A 163 3.71 1.17 8.67
C PHE A 163 3.05 2.46 9.21
N ILE A 164 3.65 3.08 10.22
CA ILE A 164 3.29 4.47 10.58
C ILE A 164 4.44 5.36 10.08
N PRO A 165 4.21 6.08 8.98
CA PRO A 165 5.27 6.81 8.33
C PRO A 165 5.96 7.79 9.23
N GLY A 166 7.26 7.89 9.04
CA GLY A 166 8.07 8.93 9.69
C GLY A 166 8.39 8.73 11.15
N THR A 167 8.17 7.53 11.66
CA THR A 167 8.43 7.22 13.04
C THR A 167 9.81 6.58 13.32
N GLN A 168 10.65 6.43 12.30
CA GLN A 168 11.91 5.71 12.38
C GLN A 168 12.98 6.45 13.18
N ASN A 169 12.72 7.73 13.50
CA ASN A 169 13.75 8.53 14.16
C ASN A 169 13.51 8.70 15.65
N SER A 170 12.45 8.10 16.16
CA SER A 170 12.18 8.15 17.57
C SER A 170 11.62 6.84 18.12
N MET A 171 12.37 6.20 19.04
CA MET A 171 11.98 4.93 19.63
C MET A 171 10.90 5.08 20.69
N ASN A 172 9.87 4.22 20.63
CA ASN A 172 8.82 4.18 21.61
C ASN A 172 8.95 2.99 22.56
N TYR A 173 9.97 2.15 22.32
CA TYR A 173 10.22 0.94 23.07
C TYR A 173 11.66 0.92 23.55
N ASP A 174 11.89 0.16 24.60
CA ASP A 174 13.17 0.12 25.31
C ASP A 174 13.58 -1.31 25.40
N GLU A 175 14.55 -1.70 24.59
CA GLU A 175 14.91 -3.10 24.47
C GLU A 175 15.74 -3.64 25.64
N THR A 176 15.97 -2.81 26.67
CA THR A 176 16.58 -3.24 27.94
C THR A 176 15.50 -3.67 28.95
N LYS A 177 14.24 -3.33 28.67
CA LYS A 177 13.16 -3.94 29.40
C LYS A 177 13.07 -5.30 28.75
N ARG A 178 12.41 -6.20 29.44
CA ARG A 178 12.27 -7.56 28.99
C ARG A 178 10.81 -7.82 28.74
N MET A 179 10.52 -8.75 27.84
CA MET A 179 9.18 -9.20 27.67
C MET A 179 9.19 -10.71 27.88
N THR A 180 8.11 -11.20 28.46
CA THR A 180 7.94 -12.62 28.82
C THR A 180 7.44 -13.45 27.63
N TYR A 181 8.05 -14.60 27.40
CA TYR A 181 7.60 -15.52 26.38
C TYR A 181 6.48 -16.39 26.99
N GLU A 182 5.26 -16.21 26.50
CA GLU A 182 4.08 -16.97 26.94
C GLU A 182 3.09 -17.18 25.80
N PRO A 183 3.41 -18.10 24.89
CA PRO A 183 2.56 -18.32 23.73
C PRO A 183 1.09 -18.62 24.06
N ASP A 184 0.89 -19.62 24.92
CA ASP A 184 -0.35 -19.85 25.67
C ASP A 184 -1.27 -18.62 25.75
N ALA A 185 -0.79 -17.58 26.43
CA ALA A 185 -1.56 -16.39 26.70
C ALA A 185 -1.62 -15.47 25.47
N ASN A 186 -0.50 -15.36 24.75
CA ASN A 186 -0.41 -14.42 23.62
C ASN A 186 -0.89 -15.04 22.31
N ASN A 187 -2.17 -15.37 22.25
CA ASN A 187 -2.79 -15.88 21.02
C ASN A 187 -4.02 -15.05 20.67
N SER A 188 -3.90 -14.22 19.63
CA SER A 188 -4.97 -13.33 19.17
C SER A 188 -5.53 -12.44 20.27
N VAL A 189 -4.65 -11.94 21.14
CA VAL A 189 -5.03 -10.93 22.11
C VAL A 189 -5.50 -9.71 21.34
N VAL A 190 -6.69 -9.23 21.66
CA VAL A 190 -7.23 -8.07 20.98
C VAL A 190 -6.65 -6.80 21.57
N LYS A 191 -6.00 -6.02 20.71
CA LYS A 191 -5.32 -4.78 21.10
C LYS A 191 -5.86 -3.64 20.24
N ASP A 192 -6.54 -2.68 20.86
CA ASP A 192 -7.18 -1.60 20.11
C ASP A 192 -7.98 -2.13 18.89
N GLY A 193 -8.75 -3.16 19.12
CA GLY A 193 -9.67 -3.70 18.14
C GLY A 193 -9.07 -4.66 17.14
N VAL A 194 -7.79 -4.99 17.29
CA VAL A 194 -7.12 -5.88 16.32
C VAL A 194 -6.45 -7.03 17.07
N ARG A 195 -6.67 -8.27 16.60
CA ARG A 195 -5.92 -9.41 17.11
C ARG A 195 -4.44 -9.28 16.74
N ARG A 196 -3.57 -9.21 17.72
CA ARG A 196 -2.13 -9.07 17.46
C ARG A 196 -1.28 -9.78 18.49
N GLY A 197 -0.12 -10.24 18.07
CA GLY A 197 0.87 -10.71 19.02
C GLY A 197 2.27 -10.62 18.43
N PHE A 198 3.25 -11.05 19.20
CA PHE A 198 4.62 -11.02 18.72
C PHE A 198 5.26 -12.39 18.88
N PHE A 199 4.71 -13.38 18.18
CA PHE A 199 5.36 -14.70 18.07
C PHE A 199 5.55 -15.35 19.45
N GLY A 200 4.57 -15.11 20.33
CA GLY A 200 4.56 -15.63 21.70
C GLY A 200 4.79 -14.59 22.77
N TYR A 201 5.36 -13.46 22.38
CA TYR A 201 5.52 -12.31 23.26
C TYR A 201 4.42 -11.26 23.03
N ASP A 202 4.40 -10.25 23.91
CA ASP A 202 3.53 -9.07 23.78
C ASP A 202 4.49 -7.86 23.72
N TYR A 203 4.70 -7.26 22.55
CA TYR A 203 5.69 -6.15 22.45
C TYR A 203 5.32 -4.90 23.27
N ARG A 204 4.07 -4.74 23.64
CA ARG A 204 3.66 -3.60 24.50
C ARG A 204 4.47 -3.59 25.79
N GLN A 205 4.96 -4.75 26.21
CA GLN A 205 5.76 -4.83 27.44
C GLN A 205 7.02 -4.02 27.38
N LEU A 206 7.52 -3.73 26.16
CA LEU A 206 8.69 -2.94 25.98
C LEU A 206 8.47 -1.45 25.85
N GLN A 207 7.23 -0.98 25.91
CA GLN A 207 6.93 0.44 25.79
C GLN A 207 7.69 1.24 26.86
N ILE A 208 8.30 2.34 26.43
CA ILE A 208 8.93 3.32 27.34
C ILE A 208 7.86 3.86 28.32
N ASP A 209 6.69 4.20 27.79
CA ASP A 209 5.54 4.71 28.59
C ASP A 209 4.42 3.74 28.50
N GLU A 210 4.00 3.24 29.65
CA GLU A 210 2.92 2.27 29.76
C GLU A 210 1.62 2.67 29.09
N ASN A 211 1.28 3.95 29.17
CA ASN A 211 0.01 4.42 28.67
C ASN A 211 0.00 4.93 27.23
N TRP A 212 1.18 5.10 26.63
CA TRP A 212 1.32 5.50 25.24
C TRP A 212 0.71 4.41 24.36
N LYS A 213 0.22 4.81 23.19
CA LYS A 213 -0.28 3.86 22.23
C LYS A 213 0.24 4.25 20.87
N PRO A 214 0.48 3.24 20.04
CA PRO A 214 0.84 3.57 18.65
C PRO A 214 -0.20 4.44 18.01
N ASP A 215 0.23 5.32 17.09
CA ASP A 215 -0.68 6.14 16.29
C ASP A 215 -1.22 5.31 15.13
N GLU A 216 -2.02 4.31 15.48
CA GLU A 216 -2.54 3.39 14.47
C GLU A 216 -3.47 4.06 13.46
N ALA A 217 -4.13 5.16 13.85
CA ALA A 217 -4.93 5.92 12.87
C ALA A 217 -4.11 6.42 11.68
N SER A 218 -2.80 6.60 11.87
CA SER A 218 -1.91 7.05 10.79
C SER A 218 -1.24 5.88 10.00
N ALA A 219 -1.53 4.64 10.40
CA ALA A 219 -0.95 3.52 9.72
C ALA A 219 -1.46 3.42 8.28
N VAL A 220 -0.58 2.91 7.43
CA VAL A 220 -0.87 2.72 6.02
C VAL A 220 -0.52 1.28 5.67
N PRO A 221 -1.34 0.68 4.80
CA PRO A 221 -1.04 -0.70 4.39
C PRO A 221 0.06 -0.73 3.30
N MET A 222 0.69 -1.89 3.17
CA MET A 222 1.68 -2.15 2.13
C MET A 222 1.35 -3.46 1.40
N GLN A 223 0.36 -3.37 0.53
CA GLN A 223 -0.05 -4.54 -0.24
C GLN A 223 1.02 -4.72 -1.36
N MET A 224 1.37 -5.99 -1.62
CA MET A 224 2.43 -6.35 -2.56
C MET A 224 2.04 -7.60 -3.33
N LYS A 225 2.55 -7.71 -4.55
CA LYS A 225 2.42 -8.94 -5.31
C LYS A 225 3.59 -9.83 -5.08
N ALA A 226 3.36 -11.14 -5.14
CA ALA A 226 4.45 -12.09 -5.10
C ALA A 226 5.62 -11.64 -5.98
N GLY A 227 6.82 -11.62 -5.40
CA GLY A 227 8.05 -11.27 -6.13
C GLY A 227 8.56 -9.88 -5.82
N GLN A 228 7.72 -9.05 -5.18
CA GLN A 228 8.10 -7.71 -4.75
C GLN A 228 8.74 -7.70 -3.38
N PHE A 229 9.53 -6.65 -3.14
CA PHE A 229 10.04 -6.39 -1.84
C PHE A 229 9.82 -4.94 -1.46
N ILE A 230 9.82 -4.73 -0.15
CA ILE A 230 9.76 -3.40 0.45
C ILE A 230 11.00 -3.23 1.35
N ILE A 231 11.54 -2.01 1.38
CA ILE A 231 12.71 -1.65 2.17
C ILE A 231 12.29 -0.70 3.25
N PHE A 232 12.64 -1.01 4.47
CA PHE A 232 12.34 -0.13 5.61
C PHE A 232 13.35 -0.28 6.74
N TRP A 233 13.47 0.78 7.55
CA TRP A 233 14.27 0.70 8.76
C TRP A 233 13.53 -0.07 9.84
N SER A 234 14.25 -0.93 10.57
CA SER A 234 13.67 -1.70 11.64
C SER A 234 13.18 -0.79 12.76
N THR A 235 13.72 0.42 12.82
CA THR A 235 13.28 1.44 13.81
C THR A 235 11.97 2.12 13.44
N LEU A 236 11.52 1.95 12.21
CA LEU A 236 10.18 2.41 11.79
C LEU A 236 9.09 1.63 12.54
N MET A 237 8.04 2.29 12.96
CA MET A 237 6.86 1.58 13.48
C MET A 237 6.27 0.72 12.39
N HIS A 238 6.26 -0.60 12.63
CA HIS A 238 5.66 -1.51 11.68
C HIS A 238 4.95 -2.66 12.40
N ALA A 239 4.02 -3.30 11.67
CA ALA A 239 3.14 -4.33 12.18
C ALA A 239 2.58 -5.06 10.97
N SER A 240 1.66 -5.98 11.20
CA SER A 240 0.92 -6.57 10.09
C SER A 240 -0.54 -6.65 10.46
N TYR A 241 -1.41 -6.67 9.44
CA TYR A 241 -2.77 -7.04 9.68
C TYR A 241 -2.87 -8.51 10.07
N PRO A 242 -3.98 -8.88 10.70
CA PRO A 242 -4.29 -10.30 10.85
C PRO A 242 -4.60 -10.95 9.53
N HIS A 243 -4.46 -12.26 9.45
CA HIS A 243 -4.94 -13.02 8.28
C HIS A 243 -6.36 -13.46 8.63
N SER A 244 -7.36 -12.89 7.96
CA SER A 244 -8.77 -13.17 8.27
C SER A 244 -9.21 -14.63 7.99
N GLY A 245 -8.44 -15.34 7.18
CA GLY A 245 -8.76 -16.70 6.73
C GLY A 245 -9.83 -16.74 5.62
N GLU A 246 -10.19 -15.59 5.08
CA GLU A 246 -11.03 -15.57 3.89
C GLU A 246 -10.37 -16.33 2.74
N SER A 247 -9.07 -16.12 2.55
CA SER A 247 -8.26 -16.97 1.71
C SER A 247 -7.83 -18.20 2.51
N GLN A 248 -7.80 -19.36 1.88
CA GLN A 248 -7.21 -20.55 2.51
C GLN A 248 -5.72 -20.65 2.20
N GLU A 249 -5.15 -19.64 1.53
CA GLU A 249 -3.72 -19.65 1.25
C GLU A 249 -3.00 -18.81 2.31
N MET A 250 -1.92 -19.35 2.78
CA MET A 250 -1.07 -18.65 3.72
C MET A 250 -0.26 -17.53 3.03
N ARG A 251 0.11 -16.54 3.83
CA ARG A 251 0.97 -15.45 3.39
C ARG A 251 2.39 -15.79 3.83
N MET A 252 3.37 -15.57 2.97
CA MET A 252 4.74 -15.75 3.40
C MET A 252 5.59 -14.53 3.02
N GLY A 253 6.18 -13.90 4.02
CA GLY A 253 7.22 -12.92 3.80
C GLY A 253 8.57 -13.49 4.17
N PHE A 254 9.60 -13.03 3.46
CA PHE A 254 10.98 -13.35 3.77
C PHE A 254 11.75 -12.06 3.96
N ALA A 255 12.17 -11.82 5.21
CA ALA A 255 12.97 -10.65 5.63
C ALA A 255 14.47 -10.93 5.53
N SER A 256 15.19 -10.06 4.86
CA SER A 256 16.64 -10.05 4.90
C SER A 256 17.06 -8.73 5.53
N ARG A 257 17.99 -8.81 6.48
CA ARG A 257 18.36 -7.68 7.30
C ARG A 257 19.82 -7.33 7.06
N TYR A 258 20.07 -6.03 6.78
CA TYR A 258 21.39 -5.55 6.39
C TYR A 258 21.89 -4.46 7.32
N VAL A 259 23.20 -4.49 7.58
CA VAL A 259 23.83 -3.39 8.32
C VAL A 259 25.17 -3.04 7.63
N PRO A 260 25.67 -1.80 7.81
CA PRO A 260 27.02 -1.52 7.32
C PRO A 260 27.99 -2.41 8.03
N SER A 261 29.08 -2.78 7.37
CA SER A 261 29.97 -3.78 7.93
C SER A 261 30.67 -3.38 9.26
N PHE A 262 30.71 -2.10 9.58
CA PHE A 262 31.27 -1.66 10.87
C PHE A 262 30.40 -1.96 12.09
N VAL A 263 29.11 -2.23 11.87
CA VAL A 263 28.22 -2.55 12.96
C VAL A 263 28.64 -3.92 13.54
N HIS A 264 28.68 -4.03 14.87
CA HIS A 264 29.07 -5.25 15.56
C HIS A 264 27.90 -6.21 15.53
N VAL A 265 28.12 -7.39 14.93
CA VAL A 265 27.11 -8.43 14.84
C VAL A 265 27.39 -9.51 15.90
N TYR A 266 26.39 -9.78 16.76
CA TYR A 266 26.47 -10.72 17.88
C TYR A 266 27.72 -10.51 18.75
N PRO A 267 27.97 -9.27 19.18
CA PRO A 267 29.09 -9.04 20.08
C PRO A 267 28.92 -9.91 21.34
N ASP A 268 30.00 -10.52 21.79
CA ASP A 268 30.02 -11.20 23.07
C ASP A 268 28.98 -12.33 23.16
N SER A 269 28.74 -13.00 22.05
CA SER A 269 27.70 -14.03 22.01
C SER A 269 28.18 -15.20 21.18
N ASP A 270 27.96 -16.41 21.70
CA ASP A 270 28.10 -17.61 20.86
C ASP A 270 26.85 -18.46 20.81
N HIS A 271 25.79 -17.98 21.46
CA HIS A 271 24.48 -18.61 21.41
C HIS A 271 23.46 -17.48 21.45
N ILE A 272 22.23 -17.73 21.01
CA ILE A 272 21.13 -16.80 21.31
C ILE A 272 19.98 -17.59 21.87
N GLU A 273 19.24 -16.96 22.79
CA GLU A 273 18.09 -17.57 23.46
C GLU A 273 16.91 -16.60 23.37
N GLU A 274 15.86 -17.00 22.66
CA GLU A 274 14.67 -16.18 22.46
C GLU A 274 13.58 -17.03 21.78
N TYR A 275 12.36 -16.54 21.84
CA TYR A 275 11.22 -17.20 21.17
C TYR A 275 11.11 -18.67 21.55
N GLY A 276 11.41 -18.97 22.80
CA GLY A 276 11.28 -20.34 23.30
C GLY A 276 12.31 -21.36 22.84
N GLY A 277 13.40 -20.88 22.23
CA GLY A 277 14.47 -21.73 21.77
C GLY A 277 15.83 -21.18 22.11
N ARG A 278 16.86 -21.95 21.78
CA ARG A 278 18.23 -21.55 22.02
C ARG A 278 19.06 -22.15 20.89
N ILE A 279 19.86 -21.32 20.24
CA ILE A 279 20.73 -21.79 19.18
C ILE A 279 22.21 -21.40 19.37
N SER A 280 23.07 -22.25 18.84
CA SER A 280 24.48 -21.99 18.76
C SER A 280 24.83 -21.23 17.49
N LEU A 281 25.75 -20.26 17.62
CA LEU A 281 26.26 -19.48 16.51
C LEU A 281 27.50 -20.11 15.83
N GLU A 282 27.78 -21.37 16.13
CA GLU A 282 28.97 -22.02 15.61
C GLU A 282 29.04 -21.97 14.09
N LYS A 283 27.94 -22.23 13.38
CA LYS A 283 27.94 -22.22 11.92
C LYS A 283 27.32 -20.94 11.30
N TYR A 284 27.05 -19.96 12.15
CA TYR A 284 26.60 -18.63 11.74
C TYR A 284 27.77 -17.80 11.18
N GLY A 285 27.49 -17.05 10.12
CA GLY A 285 28.29 -15.88 9.80
C GLY A 285 27.47 -14.88 9.04
N ALA A 286 27.90 -13.64 9.08
CA ALA A 286 27.37 -12.60 8.25
C ALA A 286 27.87 -12.78 6.81
N VAL A 287 27.08 -12.31 5.86
CA VAL A 287 27.40 -12.33 4.46
C VAL A 287 27.69 -10.94 3.93
N GLN A 288 28.86 -10.76 3.33
CA GLN A 288 29.17 -9.47 2.70
C GLN A 288 28.55 -9.37 1.33
N VAL A 289 27.43 -8.64 1.22
CA VAL A 289 26.67 -8.59 -0.02
C VAL A 289 27.07 -7.41 -0.91
N ILE A 290 27.71 -6.43 -0.28
CA ILE A 290 28.17 -5.21 -0.93
C ILE A 290 29.59 -4.93 -0.39
N GLY A 291 30.49 -4.68 -1.33
CA GLY A 291 31.87 -4.32 -1.02
C GLY A 291 32.71 -5.50 -0.62
N ASP A 292 33.95 -5.22 -0.19
CA ASP A 292 34.87 -6.29 0.19
C ASP A 292 35.68 -6.02 1.47
N GLU A 293 35.24 -5.09 2.29
CA GLU A 293 35.90 -4.78 3.54
C GLU A 293 34.95 -4.91 4.72
N THR A 294 35.39 -5.66 5.73
CA THR A 294 34.67 -5.78 6.98
C THR A 294 35.67 -5.93 8.09
N PRO A 295 35.46 -5.26 9.24
CA PRO A 295 36.38 -5.51 10.35
C PRO A 295 36.41 -6.96 10.88
N GLU A 296 37.55 -7.30 11.46
CA GLU A 296 37.81 -8.64 11.92
C GLU A 296 36.84 -9.10 12.98
N TYR A 297 36.24 -8.16 13.70
CA TYR A 297 35.33 -8.54 14.77
C TYR A 297 34.02 -9.18 14.23
N ASN A 298 33.75 -9.08 12.94
CA ASN A 298 32.59 -9.77 12.36
C ASN A 298 33.00 -11.04 11.61
N ARG A 299 32.47 -12.19 12.05
CA ARG A 299 32.70 -13.49 11.43
C ARG A 299 31.91 -13.58 10.13
N LEU A 300 32.56 -13.83 9.00
CA LEU A 300 31.83 -13.94 7.74
C LEU A 300 31.79 -15.35 7.20
N VAL A 301 30.73 -15.69 6.47
CA VAL A 301 30.75 -16.85 5.59
C VAL A 301 30.66 -16.41 4.12
N THR A 302 31.27 -17.19 3.22
CA THR A 302 31.23 -16.93 1.78
C THR A 302 30.36 -17.92 0.99
N HIS A 303 30.05 -19.06 1.62
CA HIS A 303 29.26 -20.14 1.02
C HIS A 303 28.24 -20.70 1.99
N THR A 304 27.20 -21.30 1.44
CA THR A 304 26.26 -22.05 2.29
C THR A 304 26.90 -23.32 2.83
N THR A 305 26.15 -23.97 3.72
CA THR A 305 26.54 -25.23 4.32
C THR A 305 26.55 -26.36 3.27
N ARG A 306 26.04 -26.08 2.09
CA ARG A 306 26.07 -27.00 0.94
C ARG A 306 26.99 -26.51 -0.16
N GLY A 307 27.93 -25.64 0.22
CA GLY A 307 28.95 -25.16 -0.66
C GLY A 307 28.53 -24.21 -1.82
N LYS A 308 27.35 -23.60 -1.72
CA LYS A 308 26.86 -22.67 -2.73
C LYS A 308 27.37 -21.25 -2.40
N LYS A 309 28.02 -20.60 -3.37
CA LYS A 309 28.55 -19.25 -3.11
C LYS A 309 27.38 -18.27 -2.93
N PHE A 310 27.52 -17.35 -1.99
CA PHE A 310 26.62 -16.20 -1.87
C PHE A 310 26.90 -15.24 -3.03
N GLU A 311 26.14 -15.40 -4.08
CA GLU A 311 26.15 -14.52 -5.21
C GLU A 311 24.80 -14.65 -5.92
N ALA A 312 24.38 -13.58 -6.59
CA ALA A 312 23.13 -13.61 -7.34
C ALA A 312 23.31 -14.47 -8.59
N VAL A 313 22.33 -15.31 -8.91
CA VAL A 313 22.38 -16.14 -10.12
C VAL A 313 21.38 -15.65 -11.17
N LYS B 7 -23.55 -5.04 7.37
CA LYS B 7 -22.47 -6.09 7.55
C LYS B 7 -21.07 -5.52 7.31
N PHE B 8 -20.96 -4.60 6.36
CA PHE B 8 -19.65 -4.04 6.01
C PHE B 8 -19.39 -2.65 6.55
N ALA B 9 -20.06 -2.23 7.62
CA ALA B 9 -19.83 -0.89 8.16
C ALA B 9 -18.37 -0.71 8.59
N LEU B 10 -17.85 0.52 8.54
CA LEU B 10 -16.52 0.76 9.04
C LEU B 10 -16.56 0.55 10.55
N THR B 11 -15.53 -0.08 11.09
CA THR B 11 -15.38 -0.13 12.55
C THR B 11 -15.00 1.23 13.10
N ALA B 12 -15.12 1.41 14.42
CA ALA B 12 -14.73 2.63 15.09
C ALA B 12 -13.27 2.98 14.75
N GLU B 13 -12.41 1.98 14.76
CA GLU B 13 -10.99 2.20 14.49
C GLU B 13 -10.76 2.59 13.04
N GLN B 14 -11.50 1.95 12.13
CA GLN B 14 -11.36 2.32 10.70
C GLN B 14 -11.89 3.72 10.46
N ARG B 15 -12.97 4.07 11.14
CA ARG B 15 -13.48 5.44 11.01
C ARG B 15 -12.44 6.45 11.48
N ALA B 16 -11.76 6.17 12.58
CA ALA B 16 -10.73 7.10 13.09
C ALA B 16 -9.54 7.25 12.12
N SER B 17 -9.19 6.14 11.49
CA SER B 17 -8.11 6.15 10.52
C SER B 17 -8.51 6.92 9.28
N PHE B 18 -9.74 6.70 8.80
CA PHE B 18 -10.27 7.50 7.73
C PHE B 18 -10.23 8.98 8.04
N GLU B 19 -10.66 9.38 9.24
CA GLU B 19 -10.64 10.81 9.63
C GLU B 19 -9.25 11.40 9.63
N LYS B 20 -8.27 10.61 10.05
CA LYS B 20 -6.89 11.07 10.15
C LYS B 20 -6.19 11.15 8.78
N ASN B 21 -6.18 10.02 8.05
CA ASN B 21 -5.51 9.91 6.77
C ASN B 21 -6.25 10.44 5.55
N GLY B 22 -7.59 10.34 5.53
CA GLY B 22 -8.35 10.89 4.41
C GLY B 22 -8.70 9.80 3.41
N PHE B 23 -8.31 8.57 3.74
CA PHE B 23 -8.59 7.36 2.95
C PHE B 23 -8.68 6.16 3.86
N ILE B 24 -9.28 5.07 3.36
CA ILE B 24 -9.37 3.83 4.14
C ILE B 24 -9.55 2.68 3.15
N GLY B 25 -8.96 1.52 3.48
CA GLY B 25 -8.89 0.39 2.59
C GLY B 25 -7.47 0.04 2.22
N PRO B 26 -7.30 -0.77 1.16
CA PRO B 26 -8.37 -1.29 0.28
C PRO B 26 -9.24 -2.40 0.90
N PHE B 27 -10.39 -2.60 0.29
CA PHE B 27 -11.34 -3.65 0.69
C PHE B 27 -11.72 -4.41 -0.54
N ASP B 28 -12.23 -5.62 -0.36
CA ASP B 28 -12.57 -6.52 -1.47
C ASP B 28 -14.04 -6.36 -1.86
N ALA B 29 -14.33 -6.09 -3.13
CA ALA B 29 -15.69 -6.19 -3.66
C ALA B 29 -15.92 -7.54 -4.36
N TYR B 30 -14.91 -8.03 -5.07
CA TYR B 30 -14.96 -9.27 -5.84
C TYR B 30 -13.62 -9.93 -5.71
N SER B 31 -13.56 -11.23 -5.96
CA SER B 31 -12.27 -11.88 -6.08
C SER B 31 -11.56 -11.40 -7.35
N PRO B 32 -10.24 -11.53 -7.40
CA PRO B 32 -9.52 -11.13 -8.60
C PRO B 32 -9.95 -11.94 -9.83
N GLU B 33 -10.30 -13.20 -9.63
CA GLU B 33 -10.70 -14.06 -10.74
C GLU B 33 -12.03 -13.59 -11.32
N GLU B 34 -13.00 -13.35 -10.45
CA GLU B 34 -14.30 -12.75 -10.83
C GLU B 34 -14.16 -11.39 -11.52
N MET B 35 -13.37 -10.48 -10.93
CA MET B 35 -13.15 -9.20 -11.56
C MET B 35 -12.49 -9.31 -12.95
N LYS B 36 -11.48 -10.15 -13.08
CA LYS B 36 -10.82 -10.31 -14.38
C LYS B 36 -11.81 -10.77 -15.45
N GLU B 37 -12.69 -11.69 -15.10
CA GLU B 37 -13.65 -12.18 -16.10
C GLU B 37 -14.69 -11.11 -16.41
N THR B 38 -15.15 -10.40 -15.38
CA THR B 38 -16.13 -9.34 -15.58
C THR B 38 -15.54 -8.21 -16.39
N TRP B 39 -14.31 -7.80 -16.11
CA TRP B 39 -13.73 -6.72 -16.86
C TRP B 39 -13.46 -7.13 -18.32
N LYS B 40 -13.08 -8.39 -18.53
CA LYS B 40 -12.79 -8.84 -19.90
C LYS B 40 -14.03 -8.64 -20.78
N ARG B 41 -15.18 -9.01 -20.25
CA ARG B 41 -16.45 -8.80 -20.95
C ARG B 41 -16.85 -7.34 -21.03
N THR B 42 -16.78 -6.66 -19.88
CA THR B 42 -17.24 -5.29 -19.74
C THR B 42 -16.50 -4.30 -20.63
N ARG B 43 -15.19 -4.42 -20.71
CA ARG B 43 -14.37 -3.54 -21.53
C ARG B 43 -14.89 -3.45 -22.98
N LEU B 44 -15.23 -4.61 -23.53
CA LEU B 44 -15.71 -4.68 -24.91
C LEU B 44 -17.15 -4.23 -25.03
N ARG B 45 -17.96 -4.57 -24.02
CA ARG B 45 -19.36 -4.23 -24.03
C ARG B 45 -19.50 -2.70 -24.00
N LEU B 46 -18.59 -2.02 -23.31
CA LEU B 46 -18.63 -0.57 -23.21
C LEU B 46 -18.39 0.20 -24.52
N LEU B 47 -17.82 -0.49 -25.51
CA LEU B 47 -17.56 0.12 -26.81
C LEU B 47 -18.86 0.45 -27.56
N ASP B 48 -19.90 -0.31 -27.27
CA ASP B 48 -21.26 0.01 -27.71
C ASP B 48 -21.85 1.08 -26.76
N ARG B 49 -22.03 2.27 -27.30
CA ARG B 49 -22.66 3.39 -26.60
C ARG B 49 -24.13 3.64 -27.02
N SER B 50 -24.76 2.64 -27.63
CA SER B 50 -26.13 2.83 -28.15
C SER B 50 -27.17 3.18 -27.08
N ALA B 51 -26.91 2.82 -25.84
CA ALA B 51 -27.80 3.15 -24.73
C ALA B 51 -27.20 4.17 -23.77
N ALA B 52 -26.05 4.75 -24.13
CA ALA B 52 -25.35 5.64 -23.25
C ALA B 52 -26.17 6.92 -22.97
N ALA B 53 -26.11 7.43 -21.75
CA ALA B 53 -26.78 8.72 -21.43
C ALA B 53 -26.30 9.89 -22.31
N TYR B 54 -25.01 9.90 -22.64
CA TYR B 54 -24.43 10.99 -23.44
C TYR B 54 -24.20 10.52 -24.87
N GLN B 55 -25.13 10.91 -25.76
CA GLN B 55 -25.06 10.54 -27.19
C GLN B 55 -24.26 11.55 -28.01
N ASP B 56 -24.36 12.84 -27.68
CA ASP B 56 -23.44 13.87 -28.21
C ASP B 56 -22.26 14.08 -27.27
N ASN B 65 -12.53 12.69 -22.55
CA ASN B 65 -12.57 12.15 -21.16
C ASN B 65 -14.00 12.04 -20.58
N ILE B 66 -14.88 12.96 -20.98
CA ILE B 66 -16.30 12.86 -20.68
C ILE B 66 -16.88 11.57 -21.28
N ALA B 67 -16.20 10.99 -22.26
CA ALA B 67 -16.57 9.64 -22.77
C ALA B 67 -16.44 8.56 -21.69
N ASN B 68 -15.63 8.83 -20.67
CA ASN B 68 -15.43 7.89 -19.55
C ASN B 68 -16.52 8.06 -18.45
N TYR B 69 -17.43 9.05 -18.60
CA TYR B 69 -18.37 9.39 -17.55
C TYR B 69 -19.66 8.60 -17.61
N ASP B 70 -20.10 8.22 -16.42
CA ASP B 70 -21.46 7.86 -16.13
C ASP B 70 -22.01 6.66 -16.91
N ARG B 71 -21.13 5.70 -17.16
CA ARG B 71 -21.54 4.45 -17.80
C ARG B 71 -22.42 3.58 -16.94
N HIS B 72 -22.46 3.83 -15.62
CA HIS B 72 -23.41 3.17 -14.74
C HIS B 72 -24.88 3.46 -15.16
N LEU B 73 -25.11 4.52 -15.94
CA LEU B 73 -26.50 4.92 -16.37
C LEU B 73 -26.99 4.03 -17.48
N ASP B 74 -26.07 3.27 -18.11
CA ASP B 74 -26.45 2.33 -19.20
C ASP B 74 -26.02 0.87 -19.01
N ASP B 75 -25.01 0.59 -18.17
CA ASP B 75 -24.42 -0.75 -18.09
C ASP B 75 -24.94 -1.59 -16.93
N ASP B 76 -25.34 -2.85 -17.18
CA ASP B 76 -25.93 -3.71 -16.14
C ASP B 76 -24.99 -3.90 -14.95
N PHE B 77 -23.74 -4.26 -15.23
CA PHE B 77 -22.79 -4.54 -14.17
C PHE B 77 -22.47 -3.28 -13.34
N LEU B 78 -22.23 -2.15 -14.01
CA LEU B 78 -21.83 -0.93 -13.29
C LEU B 78 -22.94 -0.43 -12.43
N ALA B 79 -24.18 -0.61 -12.91
CA ALA B 79 -25.36 -0.28 -12.14
C ALA B 79 -25.44 -1.06 -10.81
N SER B 80 -25.05 -2.33 -10.84
CA SER B 80 -24.93 -3.14 -9.65
C SER B 80 -23.75 -2.75 -8.76
N HIS B 81 -22.62 -2.50 -9.41
CA HIS B 81 -21.35 -2.22 -8.71
C HIS B 81 -21.42 -1.01 -7.77
N ILE B 82 -22.01 0.07 -8.24
CA ILE B 82 -22.07 1.27 -7.44
C ILE B 82 -22.95 1.08 -6.18
N CYS B 83 -23.81 0.04 -6.21
CA CYS B 83 -24.67 -0.32 -5.10
C CYS B 83 -24.14 -1.42 -4.17
N ARG B 84 -22.98 -2.00 -4.46
CA ARG B 84 -22.42 -3.07 -3.62
C ARG B 84 -22.46 -2.69 -2.14
N PRO B 85 -23.04 -3.55 -1.29
CA PRO B 85 -23.01 -3.26 0.14
C PRO B 85 -21.59 -3.14 0.72
N GLU B 86 -20.62 -3.87 0.15
CA GLU B 86 -19.19 -3.75 0.54
C GLU B 86 -18.73 -2.31 0.43
N ILE B 87 -19.22 -1.64 -0.60
CA ILE B 87 -18.96 -0.22 -0.79
C ILE B 87 -19.90 0.64 0.01
N CYS B 88 -21.20 0.43 -0.17
CA CYS B 88 -22.19 1.38 0.37
C CYS B 88 -22.25 1.39 1.89
N ASP B 89 -22.09 0.24 2.55
CA ASP B 89 -22.11 0.22 4.02
C ASP B 89 -20.97 1.11 4.57
N ARG B 90 -19.84 1.12 3.87
CA ARG B 90 -18.71 1.93 4.30
C ARG B 90 -18.88 3.40 3.97
N VAL B 91 -19.45 3.74 2.80
CA VAL B 91 -19.67 5.13 2.45
C VAL B 91 -20.73 5.67 3.44
N GLU B 92 -21.67 4.83 3.82
CA GLU B 92 -22.70 5.20 4.82
C GLU B 92 -22.08 5.56 6.17
N SER B 93 -21.07 4.81 6.58
CA SER B 93 -20.33 5.09 7.82
C SER B 93 -19.75 6.51 7.79
N ILE B 94 -19.37 6.98 6.61
CA ILE B 94 -18.77 8.29 6.45
C ILE B 94 -19.83 9.39 6.25
N LEU B 95 -20.78 9.12 5.37
CA LEU B 95 -21.67 10.17 4.87
C LEU B 95 -23.08 10.19 5.45
N GLY B 96 -23.49 9.18 6.21
CA GLY B 96 -24.80 9.14 6.80
C GLY B 96 -25.85 8.37 5.99
N PRO B 97 -27.13 8.54 6.39
CA PRO B 97 -28.19 7.62 5.99
C PRO B 97 -28.80 7.87 4.62
N ASN B 98 -28.45 8.96 3.95
CA ASN B 98 -28.99 9.30 2.63
C ASN B 98 -27.86 9.76 1.71
N VAL B 99 -27.52 8.92 0.72
CA VAL B 99 -26.37 9.16 -0.11
C VAL B 99 -26.68 8.90 -1.59
N LEU B 100 -26.13 9.75 -2.44
CA LEU B 100 -26.24 9.61 -3.91
C LEU B 100 -24.91 9.23 -4.51
N CYS B 101 -24.95 8.41 -5.55
CA CYS B 101 -23.84 8.30 -6.49
C CYS B 101 -24.14 9.29 -7.61
N TRP B 102 -23.33 10.35 -7.71
CA TRP B 102 -23.58 11.42 -8.67
C TRP B 102 -22.72 11.36 -9.92
N ARG B 103 -21.63 10.57 -9.87
CA ARG B 103 -20.68 10.51 -11.00
C ARG B 103 -19.92 9.18 -10.95
N THR B 104 -19.67 8.59 -12.12
CA THR B 104 -18.65 7.55 -12.22
C THR B 104 -17.76 7.89 -13.39
N GLU B 105 -16.52 7.40 -13.35
CA GLU B 105 -15.52 7.72 -14.33
C GLU B 105 -14.54 6.59 -14.44
N PHE B 106 -14.25 6.17 -15.67
CA PHE B 106 -13.13 5.26 -15.93
C PHE B 106 -11.83 6.01 -16.04
N PHE B 107 -10.79 5.40 -15.50
CA PHE B 107 -9.41 5.85 -15.60
C PHE B 107 -8.50 4.76 -16.16
N PRO B 108 -8.37 4.70 -17.50
CA PRO B 108 -7.44 3.78 -18.15
C PRO B 108 -6.01 4.32 -18.10
N LYS B 109 -5.05 3.43 -17.95
CA LYS B 109 -3.65 3.74 -18.23
C LYS B 109 -3.10 2.67 -19.16
N TYR B 110 -2.66 3.12 -20.34
CA TYR B 110 -2.10 2.25 -21.36
C TYR B 110 -0.59 2.30 -21.17
N PRO B 111 0.13 1.25 -21.60
CA PRO B 111 1.58 1.20 -21.44
C PRO B 111 2.28 2.45 -21.97
N GLY B 112 3.18 3.02 -21.16
CA GLY B 112 3.80 4.30 -21.43
C GLY B 112 3.07 5.57 -21.01
N ASP B 113 1.79 5.48 -20.63
CA ASP B 113 1.02 6.65 -20.20
C ASP B 113 1.64 7.35 -18.97
N GLU B 114 1.55 8.68 -18.95
CA GLU B 114 2.00 9.48 -17.82
C GLU B 114 1.19 9.15 -16.57
N GLY B 115 1.73 9.50 -15.41
CA GLY B 115 1.00 9.39 -14.17
C GLY B 115 0.00 10.53 -14.03
N THR B 116 -1.06 10.31 -13.28
CA THR B 116 -2.04 11.36 -13.05
C THR B 116 -1.39 12.39 -12.17
N ASP B 117 -1.51 13.67 -12.55
CA ASP B 117 -1.02 14.79 -11.78
C ASP B 117 -1.56 14.77 -10.32
N TRP B 118 -0.76 15.32 -9.41
CA TRP B 118 -1.22 15.64 -8.08
C TRP B 118 -2.40 16.60 -8.21
N HIS B 119 -3.48 16.28 -7.50
CA HIS B 119 -4.67 17.13 -7.43
C HIS B 119 -5.57 16.87 -6.25
N GLN B 120 -6.42 17.86 -6.03
CA GLN B 120 -7.52 17.84 -5.10
C GLN B 120 -8.69 18.54 -5.79
N ALA B 121 -9.88 18.06 -5.51
CA ALA B 121 -11.12 18.64 -6.05
C ALA B 121 -12.18 18.74 -4.95
N ASP B 122 -12.86 19.89 -4.93
CA ASP B 122 -13.87 20.22 -3.92
C ASP B 122 -15.20 20.49 -4.64
N THR B 123 -15.25 21.52 -5.48
CA THR B 123 -16.51 21.88 -6.16
C THR B 123 -16.65 21.25 -7.55
N PHE B 124 -15.57 20.65 -8.05
CA PHE B 124 -15.53 20.08 -9.40
C PHE B 124 -15.84 21.10 -10.52
N ALA B 125 -15.39 22.34 -10.28
CA ALA B 125 -15.25 23.36 -11.33
C ALA B 125 -13.84 23.36 -11.94
N ASN B 126 -12.94 22.48 -11.47
CA ASN B 126 -11.50 22.57 -11.87
C ASN B 126 -11.26 22.74 -13.38
N ALA B 127 -11.98 21.95 -14.17
CA ALA B 127 -11.85 21.90 -15.63
C ALA B 127 -12.95 22.71 -16.36
N SER B 128 -14.15 22.80 -15.77
CA SER B 128 -15.32 23.39 -16.45
C SER B 128 -15.54 24.88 -16.24
N GLY B 129 -15.09 25.42 -15.11
CA GLY B 129 -15.38 26.81 -14.78
C GLY B 129 -16.66 27.02 -13.98
N LYS B 130 -17.45 25.96 -13.77
CA LYS B 130 -18.70 26.04 -12.98
C LYS B 130 -18.84 24.88 -11.96
N PRO B 131 -19.20 25.18 -10.69
CA PRO B 131 -19.27 24.08 -9.70
C PRO B 131 -20.32 23.04 -10.03
N GLN B 132 -19.96 21.78 -9.82
CA GLN B 132 -20.82 20.64 -10.12
C GLN B 132 -21.45 20.03 -8.89
N ILE B 133 -20.83 20.23 -7.73
CA ILE B 133 -21.42 19.85 -6.44
C ILE B 133 -21.23 21.01 -5.46
N ILE B 134 -22.33 21.39 -4.81
CA ILE B 134 -22.30 22.41 -3.76
C ILE B 134 -23.00 21.88 -2.54
N TRP B 135 -22.27 21.92 -1.42
CA TRP B 135 -22.79 21.45 -0.14
C TRP B 135 -23.65 22.57 0.46
N PRO B 136 -24.70 22.24 1.21
CA PRO B 136 -25.41 23.30 1.95
C PRO B 136 -24.46 24.20 2.76
N GLU B 137 -24.78 25.49 2.85
CA GLU B 137 -23.96 26.46 3.59
C GLU B 137 -23.56 26.01 5.02
N ASN B 138 -24.50 25.42 5.74
CA ASN B 138 -24.30 25.03 7.15
C ASN B 138 -23.37 23.82 7.35
N GLU B 139 -22.92 23.21 6.25
CA GLU B 139 -22.08 22.01 6.28
C GLU B 139 -20.58 22.33 6.09
N GLU B 140 -19.75 21.66 6.90
CA GLU B 140 -18.30 21.93 7.02
C GLU B 140 -17.40 20.97 6.19
N PHE B 141 -18.02 20.18 5.32
CA PHE B 141 -17.26 19.34 4.40
C PHE B 141 -17.39 19.91 3.00
N GLY B 142 -16.48 19.50 2.13
CA GLY B 142 -16.55 19.82 0.70
C GLY B 142 -16.20 18.57 -0.07
N GLY B 143 -16.28 18.64 -1.38
CA GLY B 143 -15.88 17.50 -2.20
C GLY B 143 -16.83 16.31 -2.15
N THR B 144 -16.29 15.14 -2.48
CA THR B 144 -17.09 13.94 -2.68
C THR B 144 -16.26 12.76 -2.17
N ILE B 145 -16.93 11.71 -1.71
CA ILE B 145 -16.23 10.50 -1.35
C ILE B 145 -16.04 9.73 -2.66
N THR B 146 -14.80 9.46 -2.96
CA THR B 146 -14.46 8.71 -4.16
C THR B 146 -14.16 7.27 -3.75
N VAL B 147 -14.82 6.33 -4.44
CA VAL B 147 -14.51 4.91 -4.31
C VAL B 147 -13.85 4.46 -5.65
N TRP B 148 -12.59 4.06 -5.61
CA TRP B 148 -11.86 3.75 -6.82
C TRP B 148 -11.63 2.26 -6.78
N THR B 149 -12.21 1.56 -7.75
CA THR B 149 -12.14 0.13 -7.80
C THR B 149 -11.13 -0.26 -8.92
N ALA B 150 -10.26 -1.20 -8.58
CA ALA B 150 -9.28 -1.78 -9.50
C ALA B 150 -9.99 -2.84 -10.34
N PHE B 151 -10.23 -2.55 -11.60
CA PHE B 151 -10.82 -3.51 -12.54
C PHE B 151 -9.74 -4.44 -13.12
N THR B 152 -8.48 -3.97 -13.04
CA THR B 152 -7.30 -4.76 -13.30
C THR B 152 -6.48 -4.71 -12.03
N ASP B 153 -5.42 -5.50 -11.92
CA ASP B 153 -4.43 -5.23 -10.84
C ASP B 153 -3.87 -3.82 -11.03
N ALA B 154 -3.49 -3.20 -9.91
CA ALA B 154 -2.89 -1.88 -9.89
C ALA B 154 -1.61 -1.96 -9.06
N ASN B 155 -0.49 -1.85 -9.74
CA ASN B 155 0.81 -1.88 -9.11
C ASN B 155 1.60 -0.64 -9.48
N ILE B 156 2.69 -0.37 -8.78
CA ILE B 156 3.52 0.78 -9.14
C ILE B 156 3.86 0.79 -10.63
N ALA B 157 4.21 -0.38 -11.20
CA ALA B 157 4.64 -0.50 -12.63
C ALA B 157 3.56 -0.16 -13.67
N ASN B 158 2.28 -0.36 -13.35
CA ASN B 158 1.21 -0.05 -14.30
C ASN B 158 0.38 1.18 -13.88
N GLY B 159 0.92 1.94 -12.95
CA GLY B 159 0.35 3.21 -12.58
C GLY B 159 -0.70 3.22 -11.50
N CYS B 160 -0.43 2.57 -10.39
CA CYS B 160 -1.37 2.59 -9.29
C CYS B 160 -1.44 3.96 -8.67
N LEU B 161 -2.48 4.15 -7.86
CA LEU B 161 -2.64 5.39 -7.13
C LEU B 161 -1.53 5.64 -6.08
N GLN B 162 -1.34 6.91 -5.78
CA GLN B 162 -0.61 7.33 -4.62
C GLN B 162 -1.32 8.50 -3.96
N PHE B 163 -1.12 8.60 -2.65
CA PHE B 163 -1.79 9.56 -1.78
C PHE B 163 -0.73 10.24 -0.89
N ILE B 164 -0.98 11.49 -0.51
CA ILE B 164 -0.21 12.13 0.55
C ILE B 164 -1.16 12.23 1.76
N PRO B 165 -0.95 11.39 2.77
CA PRO B 165 -1.92 11.30 3.88
C PRO B 165 -2.15 12.58 4.65
N GLY B 166 -3.40 12.76 5.09
CA GLY B 166 -3.77 13.82 6.03
C GLY B 166 -3.89 15.19 5.40
N THR B 167 -3.98 15.24 4.07
CA THR B 167 -4.06 16.50 3.34
C THR B 167 -5.50 16.90 2.89
N GLN B 168 -6.48 16.09 3.28
CA GLN B 168 -7.90 16.26 2.90
C GLN B 168 -8.59 17.52 3.48
N ASN B 169 -8.00 18.15 4.48
CA ASN B 169 -8.60 19.34 5.11
C ASN B 169 -7.94 20.66 4.76
N SER B 170 -6.98 20.64 3.86
CA SER B 170 -6.33 21.86 3.43
C SER B 170 -6.08 21.85 1.91
N MET B 171 -6.83 22.67 1.22
CA MET B 171 -6.77 22.72 -0.22
C MET B 171 -5.52 23.49 -0.66
N ASN B 172 -4.84 22.96 -1.69
CA ASN B 172 -3.65 23.56 -2.28
C ASN B 172 -3.89 24.17 -3.64
N TYR B 173 -5.10 23.91 -4.18
CA TYR B 173 -5.49 24.38 -5.48
C TYR B 173 -6.77 25.20 -5.38
N ASP B 174 -6.94 26.06 -6.38
CA ASP B 174 -8.08 27.01 -6.49
C ASP B 174 -8.81 26.72 -7.79
N GLU B 175 -10.01 26.15 -7.69
CA GLU B 175 -10.71 25.68 -8.91
C GLU B 175 -11.34 26.81 -9.75
N THR B 176 -11.16 28.07 -9.32
CA THR B 176 -11.49 29.27 -10.13
C THR B 176 -10.33 29.72 -11.02
N LYS B 177 -9.13 29.19 -10.78
CA LYS B 177 -8.02 29.48 -11.67
C LYS B 177 -8.27 28.78 -13.01
N ARG B 178 -7.64 29.24 -14.08
CA ARG B 178 -7.82 28.61 -15.38
C ARG B 178 -6.72 27.60 -15.66
N MET B 179 -7.11 26.43 -16.14
CA MET B 179 -6.17 25.57 -16.83
C MET B 179 -6.66 25.32 -18.25
N THR B 180 -5.71 25.35 -19.15
CA THR B 180 -5.95 25.27 -20.59
C THR B 180 -5.98 23.79 -21.02
N TYR B 181 -7.01 23.39 -21.77
CA TYR B 181 -7.04 22.06 -22.41
C TYR B 181 -6.07 22.07 -23.59
N GLU B 182 -4.98 21.31 -23.48
CA GLU B 182 -3.81 21.43 -24.40
C GLU B 182 -3.12 20.10 -24.73
N PRO B 183 -3.87 19.10 -25.22
CA PRO B 183 -3.31 17.75 -25.44
C PRO B 183 -1.81 17.67 -25.81
N ASP B 184 -1.39 18.44 -26.82
CA ASP B 184 -0.03 18.32 -27.40
C ASP B 184 1.13 18.74 -26.47
N ALA B 185 0.95 19.83 -25.74
CA ALA B 185 2.02 20.34 -24.85
C ALA B 185 2.06 19.60 -23.49
N ASN B 186 0.95 18.95 -23.13
CA ASN B 186 0.88 18.14 -21.92
C ASN B 186 0.95 16.64 -22.26
N ASN B 187 2.13 16.20 -22.72
CA ASN B 187 2.37 14.76 -22.89
C ASN B 187 3.69 14.34 -22.24
N SER B 188 3.55 13.53 -21.18
CA SER B 188 4.68 13.02 -20.40
C SER B 188 5.67 14.10 -19.97
N VAL B 189 5.14 15.28 -19.64
CA VAL B 189 5.92 16.36 -19.05
C VAL B 189 6.50 15.83 -17.73
N VAL B 190 7.80 16.02 -17.53
CA VAL B 190 8.49 15.57 -16.32
C VAL B 190 8.38 16.63 -15.20
N LYS B 191 7.79 16.23 -14.08
CA LYS B 191 7.57 17.12 -12.94
C LYS B 191 8.21 16.47 -11.72
N ASP B 192 9.24 17.12 -11.19
CA ASP B 192 10.01 16.58 -10.07
C ASP B 192 10.34 15.10 -10.30
N GLY B 193 10.84 14.82 -11.51
CA GLY B 193 11.37 13.49 -11.87
C GLY B 193 10.37 12.40 -12.25
N VAL B 194 9.10 12.80 -12.45
CA VAL B 194 8.04 11.86 -12.79
C VAL B 194 7.17 12.45 -13.91
N ARG B 195 6.99 11.67 -14.97
CA ARG B 195 6.07 12.01 -16.08
C ARG B 195 4.66 12.08 -15.57
N ARG B 196 4.06 13.27 -15.61
CA ARG B 196 2.65 13.42 -15.18
C ARG B 196 1.84 14.37 -16.07
N GLY B 197 0.54 14.17 -16.12
CA GLY B 197 -0.37 15.16 -16.68
C GLY B 197 -1.80 14.93 -16.23
N PHE B 198 -2.70 15.75 -16.75
CA PHE B 198 -4.08 15.71 -16.30
C PHE B 198 -4.99 15.71 -17.52
N PHE B 199 -4.93 14.57 -18.23
CA PHE B 199 -5.92 14.20 -19.24
C PHE B 199 -6.14 15.33 -20.25
N GLY B 200 -5.03 15.96 -20.64
CA GLY B 200 -5.03 17.16 -21.49
C GLY B 200 -4.45 18.38 -20.78
N TYR B 201 -4.76 18.53 -19.48
CA TYR B 201 -4.36 19.71 -18.69
C TYR B 201 -3.06 19.54 -17.87
N ASP B 202 -2.69 20.61 -17.16
CA ASP B 202 -1.60 20.61 -16.20
C ASP B 202 -2.12 21.15 -14.86
N TYR B 203 -2.40 20.28 -13.88
CA TYR B 203 -3.04 20.73 -12.61
C TYR B 203 -2.24 21.74 -11.80
N ARG B 204 -0.94 21.84 -12.05
CA ARG B 204 -0.10 22.83 -11.37
C ARG B 204 -0.58 24.27 -11.64
N GLN B 205 -1.29 24.49 -12.77
CA GLN B 205 -1.84 25.83 -13.11
C GLN B 205 -2.92 26.30 -12.11
N LEU B 206 -3.48 25.37 -11.35
CA LEU B 206 -4.51 25.68 -10.34
C LEU B 206 -3.98 25.90 -8.92
N GLN B 207 -2.67 25.70 -8.72
CA GLN B 207 -2.06 25.91 -7.41
C GLN B 207 -2.33 27.31 -6.90
N ILE B 208 -2.71 27.42 -5.63
CA ILE B 208 -2.91 28.69 -4.96
C ILE B 208 -1.60 29.48 -5.03
N ASP B 209 -0.50 28.78 -4.76
CA ASP B 209 0.83 29.38 -4.72
C ASP B 209 1.68 28.74 -5.80
N GLU B 210 2.07 29.53 -6.81
CA GLU B 210 2.84 29.04 -7.96
C GLU B 210 4.20 28.45 -7.53
N ASN B 211 4.66 28.82 -6.34
CA ASN B 211 5.97 28.43 -5.89
C ASN B 211 5.95 27.17 -5.03
N TRP B 212 4.75 26.72 -4.68
CA TRP B 212 4.56 25.59 -3.78
C TRP B 212 4.72 24.29 -4.56
N LYS B 213 5.04 23.20 -3.85
CA LYS B 213 5.11 21.87 -4.46
C LYS B 213 4.43 20.87 -3.55
N PRO B 214 3.78 19.85 -4.15
CA PRO B 214 3.29 18.75 -3.29
C PRO B 214 4.43 18.13 -2.48
N ASP B 215 4.11 17.64 -1.28
CA ASP B 215 5.06 16.93 -0.41
C ASP B 215 5.18 15.50 -0.88
N GLU B 216 5.78 15.32 -2.04
CA GLU B 216 5.80 14.04 -2.70
C GLU B 216 6.68 13.03 -1.94
N ALA B 217 7.63 13.54 -1.14
CA ALA B 217 8.44 12.69 -0.27
C ALA B 217 7.57 11.91 0.72
N SER B 218 6.38 12.44 1.03
CA SER B 218 5.46 11.79 1.96
C SER B 218 4.41 10.93 1.30
N ALA B 219 4.47 10.83 -0.01
CA ALA B 219 3.44 10.11 -0.75
C ALA B 219 3.63 8.60 -0.48
N VAL B 220 2.51 7.87 -0.48
CA VAL B 220 2.52 6.43 -0.25
C VAL B 220 1.77 5.76 -1.43
N PRO B 221 2.25 4.61 -1.90
CA PRO B 221 1.59 3.86 -2.97
C PRO B 221 0.37 3.10 -2.46
N MET B 222 -0.58 2.84 -3.36
CA MET B 222 -1.79 2.09 -3.07
C MET B 222 -1.91 0.99 -4.12
N GLN B 223 -1.03 0.00 -4.05
CA GLN B 223 -1.18 -1.15 -4.91
C GLN B 223 -2.41 -1.93 -4.46
N MET B 224 -3.07 -2.53 -5.44
CA MET B 224 -4.37 -3.17 -5.25
C MET B 224 -4.48 -4.34 -6.19
N LYS B 225 -5.19 -5.38 -5.75
CA LYS B 225 -5.54 -6.47 -6.66
C LYS B 225 -6.89 -6.20 -7.31
N ALA B 226 -7.04 -6.71 -8.51
CA ALA B 226 -8.30 -6.64 -9.21
C ALA B 226 -9.42 -7.06 -8.27
N GLY B 227 -10.45 -6.23 -8.21
CA GLY B 227 -11.61 -6.53 -7.41
C GLY B 227 -11.67 -5.74 -6.11
N GLN B 228 -10.56 -5.08 -5.76
CA GLN B 228 -10.53 -4.26 -4.57
C GLN B 228 -10.92 -2.83 -4.89
N PHE B 229 -11.28 -2.10 -3.84
CA PHE B 229 -11.57 -0.69 -3.95
C PHE B 229 -10.93 0.06 -2.77
N ILE B 230 -10.64 1.34 -3.02
CA ILE B 230 -10.13 2.25 -2.00
C ILE B 230 -11.09 3.45 -1.89
N ILE B 231 -11.31 3.91 -0.66
CA ILE B 231 -12.22 5.02 -0.37
C ILE B 231 -11.40 6.25 0.07
N PHE B 232 -11.61 7.38 -0.56
CA PHE B 232 -10.92 8.61 -0.18
C PHE B 232 -11.73 9.86 -0.49
N TRP B 233 -11.48 10.89 0.28
CA TRP B 233 -12.03 12.20 -0.05
C TRP B 233 -11.40 12.75 -1.30
N SER B 234 -12.20 13.40 -2.15
CA SER B 234 -11.67 14.02 -3.35
C SER B 234 -10.68 15.15 -3.04
N THR B 235 -10.76 15.68 -1.83
CA THR B 235 -9.92 16.77 -1.34
C THR B 235 -8.54 16.29 -0.82
N LEU B 236 -8.41 14.99 -0.69
CA LEU B 236 -7.10 14.39 -0.39
C LEU B 236 -6.15 14.59 -1.58
N MET B 237 -4.88 14.93 -1.32
CA MET B 237 -3.88 14.90 -2.34
C MET B 237 -3.71 13.49 -2.90
N HIS B 238 -3.96 13.35 -4.20
CA HIS B 238 -3.85 12.05 -4.87
C HIS B 238 -3.31 12.21 -6.26
N ALA B 239 -2.76 11.13 -6.78
CA ALA B 239 -2.12 11.10 -8.10
C ALA B 239 -1.98 9.65 -8.51
N SER B 240 -1.31 9.38 -9.61
CA SER B 240 -0.86 8.01 -9.89
C SER B 240 0.57 8.02 -10.41
N TYR B 241 1.21 6.85 -10.27
CA TYR B 241 2.45 6.60 -10.97
C TYR B 241 2.16 6.52 -12.45
N PRO B 242 3.19 6.74 -13.27
CA PRO B 242 3.04 6.45 -14.69
C PRO B 242 3.00 4.93 -14.93
N HIS B 243 2.51 4.55 -16.10
CA HIS B 243 2.52 3.16 -16.52
C HIS B 243 3.83 2.97 -17.29
N SER B 244 4.76 2.28 -16.66
CA SER B 244 6.11 2.10 -17.17
C SER B 244 6.19 1.28 -18.43
N GLY B 245 5.17 0.49 -18.72
CA GLY B 245 5.19 -0.32 -19.93
C GLY B 245 6.01 -1.60 -19.82
N GLU B 246 6.42 -1.95 -18.59
CA GLU B 246 7.04 -3.27 -18.34
C GLU B 246 6.03 -4.39 -18.71
N SER B 247 4.75 -4.14 -18.43
CA SER B 247 3.66 -4.97 -18.88
C SER B 247 2.98 -4.26 -20.05
N GLN B 248 2.46 -5.04 -21.01
CA GLN B 248 1.72 -4.48 -22.15
C GLN B 248 0.22 -4.45 -21.84
N GLU B 249 -0.15 -4.86 -20.64
CA GLU B 249 -1.55 -4.82 -20.25
C GLU B 249 -1.91 -3.49 -19.59
N MET B 250 -3.10 -3.02 -19.94
CA MET B 250 -3.69 -1.76 -19.44
C MET B 250 -3.98 -1.89 -17.94
N ARG B 251 -3.88 -0.78 -17.22
CA ARG B 251 -4.47 -0.63 -15.88
C ARG B 251 -5.82 0.08 -16.07
N MET B 252 -6.86 -0.40 -15.36
CA MET B 252 -8.12 0.32 -15.31
C MET B 252 -8.65 0.47 -13.90
N GLY B 253 -8.89 1.72 -13.49
CA GLY B 253 -9.68 2.01 -12.33
C GLY B 253 -11.04 2.57 -12.71
N PHE B 254 -12.01 2.36 -11.84
CA PHE B 254 -13.38 2.87 -12.04
C PHE B 254 -13.73 3.59 -10.75
N ALA B 255 -13.96 4.88 -10.87
CA ALA B 255 -14.24 5.75 -9.73
C ALA B 255 -15.72 5.95 -9.69
N SER B 256 -16.30 5.70 -8.52
CA SER B 256 -17.70 6.03 -8.27
C SER B 256 -17.67 7.09 -7.14
N ARG B 257 -18.40 8.18 -7.35
CA ARG B 257 -18.32 9.35 -6.47
C ARG B 257 -19.66 9.59 -5.76
N TYR B 258 -19.58 9.80 -4.45
CA TYR B 258 -20.74 9.81 -3.54
C TYR B 258 -20.82 11.11 -2.71
N VAL B 259 -22.04 11.61 -2.54
CA VAL B 259 -22.31 12.78 -1.67
C VAL B 259 -23.61 12.50 -0.88
N PRO B 260 -23.74 13.12 0.30
CA PRO B 260 -25.06 13.10 0.96
C PRO B 260 -26.09 13.71 0.00
N SER B 261 -27.32 13.23 0.12
CA SER B 261 -28.40 13.54 -0.81
C SER B 261 -28.78 15.02 -0.76
N PHE B 262 -28.44 15.72 0.32
CA PHE B 262 -28.66 17.18 0.40
C PHE B 262 -27.66 18.03 -0.37
N VAL B 263 -26.59 17.40 -0.85
CA VAL B 263 -25.65 18.14 -1.68
C VAL B 263 -26.28 18.44 -3.01
N HIS B 264 -26.12 19.69 -3.47
CA HIS B 264 -26.63 20.11 -4.77
C HIS B 264 -25.79 19.58 -5.92
N VAL B 265 -26.39 18.71 -6.73
CA VAL B 265 -25.72 18.13 -7.89
C VAL B 265 -26.11 18.88 -9.15
N TYR B 266 -25.09 19.37 -9.87
CA TYR B 266 -25.25 20.18 -11.09
C TYR B 266 -26.23 21.34 -10.91
N PRO B 267 -26.06 22.16 -9.87
CA PRO B 267 -27.01 23.26 -9.61
C PRO B 267 -27.07 24.21 -10.81
N ASP B 268 -28.27 24.55 -11.28
CA ASP B 268 -28.44 25.54 -12.37
C ASP B 268 -27.62 25.18 -13.64
N SER B 269 -27.69 23.93 -14.06
CA SER B 269 -26.83 23.40 -15.12
C SER B 269 -27.62 22.39 -15.93
N ASP B 270 -27.65 22.55 -17.24
CA ASP B 270 -28.34 21.56 -18.07
C ASP B 270 -27.39 20.90 -19.07
N HIS B 271 -26.12 21.29 -18.98
CA HIS B 271 -25.07 20.89 -19.90
C HIS B 271 -23.78 20.97 -19.09
N ILE B 272 -22.73 20.29 -19.55
CA ILE B 272 -21.38 20.54 -19.02
C ILE B 272 -20.35 20.47 -20.13
N GLU B 273 -19.34 21.34 -20.08
CA GLU B 273 -18.28 21.37 -21.09
C GLU B 273 -16.90 21.37 -20.44
N GLU B 274 -16.10 20.36 -20.76
CA GLU B 274 -14.79 20.15 -20.19
C GLU B 274 -14.12 19.00 -20.94
N TYR B 275 -12.80 18.88 -20.79
CA TYR B 275 -12.00 17.80 -21.38
C TYR B 275 -12.27 17.56 -22.88
N GLY B 276 -12.44 18.63 -23.64
CA GLY B 276 -12.57 18.56 -25.10
C GLY B 276 -13.93 18.06 -25.60
N GLY B 277 -14.92 18.07 -24.71
CA GLY B 277 -16.27 17.62 -25.05
C GLY B 277 -17.35 18.44 -24.40
N ARG B 278 -18.59 18.13 -24.78
CA ARG B 278 -19.78 18.79 -24.25
C ARG B 278 -20.94 17.82 -24.24
N ILE B 279 -21.67 17.79 -23.13
CA ILE B 279 -22.80 16.91 -23.03
C ILE B 279 -24.01 17.56 -22.39
N SER B 280 -25.17 17.14 -22.87
CA SER B 280 -26.42 17.49 -22.26
C SER B 280 -26.66 16.58 -21.07
N LEU B 281 -27.18 17.18 -20.00
CA LEU B 281 -27.62 16.42 -18.83
C LEU B 281 -29.06 15.88 -18.92
N GLU B 282 -29.71 15.95 -20.10
CA GLU B 282 -31.09 15.48 -20.25
C GLU B 282 -31.35 14.07 -19.71
N LYS B 283 -30.45 13.14 -19.99
CA LYS B 283 -30.61 11.75 -19.55
C LYS B 283 -29.85 11.46 -18.26
N TYR B 284 -29.26 12.48 -17.63
CA TYR B 284 -28.52 12.30 -16.39
C TYR B 284 -29.47 12.28 -15.21
N GLY B 285 -29.16 11.44 -14.24
CA GLY B 285 -29.71 11.54 -12.89
C GLY B 285 -28.69 10.98 -11.91
N ALA B 286 -28.76 11.47 -10.68
CA ALA B 286 -28.08 10.84 -9.57
C ALA B 286 -28.82 9.56 -9.18
N VAL B 287 -28.09 8.68 -8.48
CA VAL B 287 -28.64 7.44 -8.01
C VAL B 287 -28.61 7.41 -6.52
N GLN B 288 -29.78 7.26 -5.89
CA GLN B 288 -29.80 7.04 -4.44
C GLN B 288 -29.40 5.62 -4.05
N VAL B 289 -28.17 5.47 -3.57
CA VAL B 289 -27.62 4.16 -3.23
C VAL B 289 -27.85 3.80 -1.75
N ILE B 290 -28.07 4.82 -0.92
CA ILE B 290 -28.28 4.63 0.50
C ILE B 290 -29.44 5.55 0.91
N GLY B 291 -30.44 4.97 1.58
CA GLY B 291 -31.57 5.74 2.09
C GLY B 291 -32.67 5.92 1.07
N ASP B 292 -33.71 6.67 1.44
CA ASP B 292 -34.81 6.93 0.48
C ASP B 292 -35.29 8.35 0.48
N GLU B 293 -34.51 9.26 1.06
CA GLU B 293 -34.87 10.66 1.08
C GLU B 293 -33.81 11.49 0.38
N THR B 294 -34.24 12.26 -0.60
CA THR B 294 -33.43 13.22 -1.30
C THR B 294 -34.34 14.42 -1.58
N PRO B 295 -33.85 15.63 -1.33
CA PRO B 295 -34.54 16.85 -1.72
C PRO B 295 -34.88 16.93 -3.20
N GLU B 296 -35.88 17.77 -3.48
CA GLU B 296 -36.46 17.89 -4.78
C GLU B 296 -35.52 18.55 -5.81
N TYR B 297 -34.50 19.29 -5.35
CA TYR B 297 -33.58 19.98 -6.25
C TYR B 297 -32.58 19.04 -6.97
N ASN B 298 -32.54 17.76 -6.56
CA ASN B 298 -31.74 16.75 -7.27
C ASN B 298 -32.56 15.76 -8.06
N ARG B 299 -32.32 15.70 -9.37
CA ARG B 299 -32.94 14.73 -10.25
C ARG B 299 -32.36 13.34 -10.04
N LEU B 300 -33.22 12.35 -9.90
CA LEU B 300 -32.81 10.99 -9.69
C LEU B 300 -33.24 10.13 -10.87
N VAL B 301 -32.49 9.05 -11.14
CA VAL B 301 -32.96 7.98 -12.00
C VAL B 301 -33.08 6.74 -11.13
N THR B 302 -34.00 5.85 -11.50
CA THR B 302 -34.23 4.59 -10.78
C THR B 302 -33.86 3.35 -11.59
N HIS B 303 -33.64 3.52 -12.89
CA HIS B 303 -33.24 2.39 -13.78
C HIS B 303 -32.20 2.88 -14.73
N THR B 304 -31.37 1.95 -15.21
CA THR B 304 -30.50 2.25 -16.31
C THR B 304 -31.37 2.42 -17.56
N THR B 305 -30.76 2.95 -18.61
CA THR B 305 -31.43 3.08 -19.89
C THR B 305 -31.88 1.72 -20.51
N ARG B 306 -31.42 0.60 -19.94
CA ARG B 306 -31.81 -0.75 -20.35
C ARG B 306 -32.76 -1.38 -19.36
N GLY B 307 -33.25 -0.57 -18.43
CA GLY B 307 -34.26 -1.00 -17.49
C GLY B 307 -33.83 -1.80 -16.28
N LYS B 308 -32.53 -1.81 -15.96
CA LYS B 308 -32.04 -2.47 -14.77
C LYS B 308 -32.17 -1.55 -13.56
N LYS B 309 -32.65 -2.08 -12.43
CA LYS B 309 -32.71 -1.30 -11.18
C LYS B 309 -31.28 -1.06 -10.70
N PHE B 310 -31.08 0.03 -9.99
CA PHE B 310 -29.82 0.24 -9.29
C PHE B 310 -29.88 -0.53 -7.96
N GLU B 311 -29.42 -1.76 -8.03
CA GLU B 311 -29.43 -2.67 -6.91
C GLU B 311 -28.32 -3.68 -7.13
N ALA B 312 -27.70 -4.09 -6.05
CA ALA B 312 -26.58 -5.02 -6.10
C ALA B 312 -27.09 -6.41 -6.43
N VAL B 313 -26.43 -7.09 -7.35
CA VAL B 313 -26.86 -8.46 -7.73
C VAL B 313 -25.85 -9.45 -7.20
FE FE2 C . 9.97 -6.38 12.58
BR BR D . 12.12 -5.48 13.58
BR BR E . 3.53 6.05 16.65
O1N DSU F . 20.55 7.42 7.97
C1N DSU F . 21.26 6.74 8.68
C2N DSU F . 22.70 6.66 8.28
C3N DSU F . 23.10 5.28 7.77
C4N DSU F . 24.61 5.38 7.54
C5N DSU F . 25.19 4.19 6.84
C6N DSU F . 26.66 4.36 6.48
C7N DSU F . 26.86 5.10 5.17
C8N DSU F . 28.31 4.97 4.76
C9N DSU F . 28.68 5.78 3.51
C10 DSU F . 30.18 5.86 3.36
O6' DSU F . 20.72 6.11 9.88
C6' DSU F . 19.33 6.24 10.22
C5' DSU F . 19.00 5.30 11.34
O2' DSU F . 19.20 5.98 12.58
C4' DSU F . 17.54 4.89 11.36
O4' DSU F . 17.35 3.79 12.21
C3' DSU F . 16.89 6.04 12.04
O3' DSU F . 16.57 6.98 11.03
C2' DSU F . 17.96 6.51 13.04
C1' DSU F . 17.79 6.05 14.52
O1' DSU F . 16.65 6.63 15.11
O1 DSU F . 17.99 7.90 12.81
C1 DSU F . 18.80 8.74 13.58
O5 DSU F . 19.69 9.30 12.60
C5 DSU F . 19.53 10.62 12.10
O6 DSU F . 19.66 10.56 10.67
C6 DSU F . 20.63 11.53 10.25
C4 DSU F . 18.36 11.52 12.59
O4 DSU F . 17.66 12.09 11.49
C3 DSU F . 17.32 10.92 13.55
O3 DSU F . 16.93 11.83 14.57
C2 DSU F . 17.63 9.55 14.15
O2 DSU F . 17.64 9.45 15.58
C1 AKG G . 10.03 -7.53 10.03
O1 AKG G . 10.40 -7.89 8.87
O2 AKG G . 10.81 -6.93 10.80
C2 AKG G . 8.66 -7.84 10.49
O5 AKG G . 8.32 -7.45 11.60
C3 AKG G . 7.65 -8.56 9.60
C4 AKG G . 6.34 -8.89 10.35
C5 AKG G . 5.44 -9.79 9.54
O3 AKG G . 4.33 -10.11 10.01
O4 AKG G . 5.83 -10.19 8.42
FE FE2 H . -9.09 12.61 -8.78
BR BR I . -10.76 14.31 -7.97
BR BR J . 1.03 18.24 0.09
C1 AKG K . -9.89 9.85 -9.01
O1 AKG K . -10.45 8.76 -8.85
O2 AKG K . -10.37 10.93 -8.56
C2 AKG K . -8.60 9.91 -9.70
O5 AKG K . -8.00 11.00 -9.79
C3 AKG K . -7.98 8.62 -10.22
C4 AKG K . -6.67 8.87 -10.96
C5 AKG K . -6.20 7.65 -11.73
O3 AKG K . -5.12 7.78 -12.34
O4 AKG K . -6.87 6.59 -11.74
#